data_6HJC
#
_entry.id   6HJC
#
_cell.length_a   60.540
_cell.length_b   60.540
_cell.length_c   96.420
_cell.angle_alpha   90.00
_cell.angle_beta   90.00
_cell.angle_gamma   90.00
#
_symmetry.space_group_name_H-M   'P 41 21 2'
#
loop_
_entity.id
_entity.type
_entity.pdbx_description
1 polymer 'Pre-glycoprotein polyprotein GP complex'
2 non-polymer GLYCEROL
3 non-polymer 2-acetamido-2-deoxy-beta-D-glucopyranose
4 water water
#
_entity_poly.entity_id   1
_entity_poly.type   'polypeptide(L)'
_entity_poly.pdbx_seq_one_letter_code
;ETGMPLSCSKNNSHHYIFVGNNSGLELTLTNTSLLNHKFCNLSDAHKRAQYDMALMSIVSTFHLSIPNFNQYEAMSCDFN
GDNITVQYNLSHASAVDAANHCGTVANGILETFHKFFWSNNIKDAYQLPNQGKLAHCYSTSYQFLIIQNTTWEDHCTFSR
PTGTKHHHHHH
;
_entity_poly.pdbx_strand_id   A
#
# COMPACT_ATOMS: atom_id res chain seq x y z
N GLY A 3 3.79 -7.04 15.50
CA GLY A 3 4.18 -5.98 16.42
C GLY A 3 5.67 -5.98 16.70
N MET A 4 6.30 -7.13 16.48
CA MET A 4 7.73 -7.33 16.68
C MET A 4 8.51 -7.55 15.38
N PRO A 5 7.96 -8.24 14.36
CA PRO A 5 8.74 -8.47 13.13
C PRO A 5 9.24 -7.17 12.51
N LEU A 6 10.33 -7.30 11.75
CA LEU A 6 10.99 -6.16 11.12
C LEU A 6 10.39 -5.88 9.75
N SER A 7 10.17 -4.59 9.47
CA SER A 7 9.73 -4.20 8.12
C SER A 7 10.88 -4.27 7.14
N CYS A 8 12.08 -3.89 7.57
CA CYS A 8 13.27 -3.86 6.72
C CYS A 8 13.92 -5.24 6.59
N SER A 9 13.16 -6.32 6.68
CA SER A 9 13.70 -7.66 6.51
C SER A 9 14.21 -7.84 5.08
N LYS A 10 15.11 -8.81 4.91
CA LYS A 10 15.67 -9.08 3.60
C LYS A 10 14.63 -9.63 2.64
N ASN A 11 13.66 -10.39 3.14
CA ASN A 11 12.59 -10.92 2.31
C ASN A 11 11.50 -9.89 2.02
N ASN A 12 11.71 -8.63 2.37
CA ASN A 12 10.72 -7.58 2.14
C ASN A 12 11.32 -6.45 1.32
N SER A 13 10.44 -5.70 0.66
CA SER A 13 10.80 -4.48 -0.05
C SER A 13 10.08 -3.32 0.65
N HIS A 14 10.85 -2.35 1.12
CA HIS A 14 10.32 -1.30 1.98
C HIS A 14 10.79 0.07 1.52
N HIS A 15 10.03 1.09 1.89
CA HIS A 15 10.43 2.48 1.72
C HIS A 15 9.61 3.35 2.64
N TYR A 16 10.25 4.40 3.14
CA TYR A 16 9.63 5.34 4.07
C TYR A 16 9.56 6.72 3.44
N ILE A 17 8.41 7.37 3.58
CA ILE A 17 8.19 8.72 3.05
C ILE A 17 7.76 9.62 4.21
N PHE A 18 8.23 10.87 4.17
CA PHE A 18 7.85 11.86 5.16
C PHE A 18 6.61 12.61 4.70
N VAL A 19 5.74 12.96 5.65
CA VAL A 19 4.48 13.63 5.37
C VAL A 19 4.38 14.96 6.10
N GLY A 20 4.69 14.97 7.39
CA GLY A 20 4.60 16.18 8.18
C GLY A 20 4.43 15.85 9.64
N ASN A 21 4.48 16.91 10.45
CA ASN A 21 4.38 16.80 11.90
C ASN A 21 5.42 15.82 12.45
N ASN A 22 6.58 15.76 11.78
CA ASN A 22 7.67 14.85 12.15
C ASN A 22 7.21 13.40 12.15
N SER A 23 6.43 13.02 11.13
CA SER A 23 5.96 11.65 10.98
C SER A 23 5.87 11.32 9.50
N GLY A 24 5.63 10.06 9.21
CA GLY A 24 5.53 9.60 7.84
C GLY A 24 4.90 8.24 7.73
N LEU A 25 5.11 7.60 6.58
CA LEU A 25 4.50 6.32 6.27
C LEU A 25 5.57 5.33 5.84
N GLU A 26 5.51 4.13 6.40
CA GLU A 26 6.40 3.03 6.04
C GLU A 26 5.61 2.02 5.21
N LEU A 27 5.96 1.92 3.93
CA LEU A 27 5.26 1.03 3.00
C LEU A 27 6.11 -0.22 2.79
N THR A 28 5.51 -1.38 3.05
CA THR A 28 6.23 -2.64 3.03
C THR A 28 5.54 -3.62 2.10
N LEU A 29 6.31 -4.25 1.22
CA LEU A 29 5.85 -5.38 0.42
C LEU A 29 6.42 -6.64 1.04
N THR A 30 5.55 -7.46 1.65
CA THR A 30 5.99 -8.58 2.46
C THR A 30 5.07 -9.77 2.25
N ASN A 31 5.60 -10.95 2.56
CA ASN A 31 4.82 -12.19 2.56
C ASN A 31 4.31 -12.55 3.95
N THR A 32 4.46 -11.64 4.92
CA THR A 32 3.96 -11.84 6.28
C THR A 32 2.79 -10.89 6.53
N SER A 33 1.69 -11.44 7.02
CA SER A 33 0.49 -10.65 7.27
C SER A 33 0.56 -9.98 8.63
N LEU A 34 -0.11 -8.84 8.74
CA LEU A 34 -0.18 -8.09 9.98
C LEU A 34 -1.58 -7.96 10.55
N LEU A 35 -2.61 -7.94 9.71
CA LEU A 35 -3.99 -7.85 10.13
C LEU A 35 -4.74 -9.10 9.68
N ASN A 36 -5.47 -9.72 10.62
CA ASN A 36 -6.13 -10.98 10.35
C ASN A 36 -7.65 -10.87 10.21
N HIS A 37 -8.26 -9.80 10.70
CA HIS A 37 -9.67 -9.54 10.46
C HIS A 37 -9.85 -8.98 9.05
N LYS A 38 -10.96 -9.34 8.40
CA LYS A 38 -11.20 -8.99 7.01
C LYS A 38 -11.99 -7.70 6.86
N PHE A 39 -11.92 -6.81 7.83
CA PHE A 39 -12.78 -5.63 7.86
C PHE A 39 -11.96 -4.38 8.09
N CYS A 40 -12.62 -3.23 7.96
CA CYS A 40 -11.99 -1.93 8.17
C CYS A 40 -13.10 -1.05 8.73
N ASN A 41 -13.08 -0.85 10.05
CA ASN A 41 -14.22 -0.24 10.75
C ASN A 41 -14.67 1.05 10.07
N LEU A 42 -13.86 2.10 10.18
CA LEU A 42 -14.21 3.41 9.66
C LEU A 42 -15.58 3.88 10.11
N SER A 43 -15.91 3.65 11.38
CA SER A 43 -17.20 4.07 11.89
C SER A 43 -17.21 5.56 12.23
N ASP A 44 -16.43 5.95 13.22
CA ASP A 44 -16.35 7.34 13.63
C ASP A 44 -15.51 8.13 12.64
N ALA A 45 -15.68 9.45 12.69
CA ALA A 45 -14.96 10.33 11.76
C ALA A 45 -13.46 10.33 12.03
N HIS A 46 -13.05 10.03 13.27
CA HIS A 46 -11.63 10.01 13.59
C HIS A 46 -10.90 8.93 12.81
N LYS A 47 -11.45 7.71 12.81
CA LYS A 47 -10.86 6.64 12.01
C LYS A 47 -10.90 6.98 10.52
N ARG A 48 -11.97 7.63 10.08
CA ARG A 48 -12.07 8.01 8.67
C ARG A 48 -11.07 9.12 8.33
N ALA A 49 -10.94 10.12 9.21
CA ALA A 49 -10.00 11.20 8.95
C ALA A 49 -8.56 10.69 8.92
N GLN A 50 -8.21 9.79 9.85
CA GLN A 50 -6.87 9.21 9.82
C GLN A 50 -6.68 8.30 8.62
N TYR A 51 -7.75 7.66 8.15
CA TYR A 51 -7.64 6.87 6.93
C TYR A 51 -7.53 7.76 5.70
N ASP A 52 -8.31 8.84 5.65
CA ASP A 52 -8.22 9.77 4.53
C ASP A 52 -6.87 10.48 4.51
N MET A 53 -6.36 10.86 5.69
CA MET A 53 -5.08 11.56 5.73
C MET A 53 -3.96 10.70 5.15
N ALA A 54 -3.95 9.40 5.47
CA ALA A 54 -2.91 8.52 4.94
C ALA A 54 -3.11 8.26 3.45
N LEU A 55 -4.37 8.12 3.02
CA LEU A 55 -4.63 7.88 1.60
C LEU A 55 -4.20 9.07 0.75
N MET A 56 -4.60 10.28 1.16
CA MET A 56 -4.26 11.46 0.38
C MET A 56 -2.77 11.76 0.38
N SER A 57 -2.06 11.38 1.44
CA SER A 57 -0.62 11.61 1.49
C SER A 57 0.10 10.81 0.41
N ILE A 58 -0.32 9.56 0.21
CA ILE A 58 0.31 8.72 -0.81
C ILE A 58 -0.05 9.20 -2.20
N VAL A 59 -1.31 9.60 -2.41
CA VAL A 59 -1.74 10.10 -3.71
C VAL A 59 -1.00 11.39 -4.05
N SER A 60 -0.87 12.31 -3.09
CA SER A 60 -0.20 13.57 -3.37
C SER A 60 1.30 13.38 -3.56
N THR A 61 1.93 12.57 -2.70
CA THR A 61 3.38 12.41 -2.76
C THR A 61 3.79 11.69 -4.03
N PHE A 62 3.07 10.64 -4.42
CA PHE A 62 3.41 9.84 -5.58
C PHE A 62 2.73 10.33 -6.86
N HIS A 63 1.94 11.40 -6.80
CA HIS A 63 1.27 11.98 -7.96
C HIS A 63 0.48 10.93 -8.73
N LEU A 64 -0.34 10.18 -8.00
CA LEU A 64 -1.09 9.07 -8.57
C LEU A 64 -2.42 9.53 -9.14
N SER A 65 -2.91 8.77 -10.11
CA SER A 65 -4.25 8.97 -10.68
C SER A 65 -4.82 7.57 -10.91
N ILE A 66 -5.70 7.14 -10.02
CA ILE A 66 -6.23 5.78 -10.02
C ILE A 66 -7.42 5.74 -10.96
N PRO A 67 -7.41 4.90 -11.99
CA PRO A 67 -8.59 4.77 -12.86
C PRO A 67 -9.74 4.09 -12.14
N ASN A 68 -10.94 4.33 -12.65
CA ASN A 68 -12.15 3.70 -12.12
C ASN A 68 -12.52 2.55 -13.05
N PHE A 69 -12.00 1.37 -12.75
CA PHE A 69 -12.39 0.13 -13.43
C PHE A 69 -13.40 -0.67 -12.62
N ASN A 70 -13.94 -0.09 -11.54
CA ASN A 70 -14.80 -0.81 -10.61
C ASN A 70 -14.11 -2.07 -10.09
N GLN A 71 -12.81 -1.95 -9.84
CA GLN A 71 -11.98 -3.03 -9.32
C GLN A 71 -11.68 -2.78 -7.85
N TYR A 72 -11.59 -3.86 -7.09
CA TYR A 72 -11.44 -3.79 -5.64
C TYR A 72 -10.23 -4.61 -5.21
N GLU A 73 -9.36 -3.99 -4.42
CA GLU A 73 -8.22 -4.68 -3.83
C GLU A 73 -8.56 -5.01 -2.37
N ALA A 74 -8.47 -6.29 -2.03
CA ALA A 74 -8.81 -6.73 -0.67
C ALA A 74 -7.97 -5.99 0.35
N MET A 75 -8.63 -5.35 1.31
CA MET A 75 -7.94 -4.46 2.24
C MET A 75 -8.60 -4.54 3.61
N SER A 76 -7.77 -4.55 4.65
CA SER A 76 -8.21 -4.46 6.03
C SER A 76 -7.37 -3.42 6.76
N CYS A 77 -8.00 -2.68 7.68
CA CYS A 77 -7.30 -1.64 8.41
C CYS A 77 -7.47 -1.85 9.91
N ASP A 78 -6.57 -1.22 10.67
CA ASP A 78 -6.61 -1.31 12.12
C ASP A 78 -6.06 -0.02 12.71
N PHE A 79 -6.49 0.29 13.93
CA PHE A 79 -6.12 1.52 14.61
C PHE A 79 -5.61 1.20 16.00
N ASN A 80 -4.47 1.78 16.37
CA ASN A 80 -3.89 1.65 17.70
C ASN A 80 -3.53 3.06 18.17
N GLY A 81 -4.49 3.74 18.80
CA GLY A 81 -4.31 5.13 19.18
C GLY A 81 -4.44 6.05 17.98
N ASP A 82 -3.39 6.79 17.67
CA ASP A 82 -3.34 7.60 16.46
C ASP A 82 -2.58 6.93 15.33
N ASN A 83 -2.11 5.71 15.54
CA ASN A 83 -1.32 4.98 14.56
C ASN A 83 -2.23 4.06 13.77
N ILE A 84 -2.26 4.24 12.45
CA ILE A 84 -3.13 3.47 11.57
C ILE A 84 -2.29 2.41 10.86
N THR A 85 -2.90 1.25 10.63
CA THR A 85 -2.28 0.16 9.89
C THR A 85 -3.22 -0.25 8.77
N VAL A 86 -2.72 -0.24 7.53
CA VAL A 86 -3.50 -0.62 6.35
C VAL A 86 -2.76 -1.74 5.64
N GLN A 87 -3.42 -2.88 5.47
CA GLN A 87 -2.85 -4.03 4.80
C GLN A 87 -3.67 -4.37 3.56
N TYR A 88 -3.00 -4.50 2.42
CA TYR A 88 -3.62 -4.96 1.20
C TYR A 88 -3.21 -6.40 0.93
N ASN A 89 -4.20 -7.28 0.77
CA ASN A 89 -3.96 -8.66 0.37
C ASN A 89 -3.86 -8.68 -1.15
N LEU A 90 -2.62 -8.65 -1.65
CA LEU A 90 -2.39 -8.37 -3.05
C LEU A 90 -2.80 -9.55 -3.94
N SER A 91 -3.57 -9.25 -4.98
CA SER A 91 -3.87 -10.22 -6.02
C SER A 91 -3.16 -9.81 -7.32
N HIS A 92 -1.83 -9.76 -7.29
CA HIS A 92 -1.02 -9.35 -8.43
C HIS A 92 0.01 -10.42 -8.79
N ALA A 93 -0.30 -11.68 -8.51
CA ALA A 93 0.69 -12.75 -8.74
C ALA A 93 0.97 -12.93 -10.22
N SER A 94 -0.05 -12.95 -11.05
CA SER A 94 0.09 -13.16 -12.48
C SER A 94 -0.27 -11.88 -13.24
N ALA A 95 -0.13 -11.94 -14.57
CA ALA A 95 -0.45 -10.78 -15.40
C ALA A 95 -1.95 -10.52 -15.42
N VAL A 96 -2.76 -11.59 -15.53
CA VAL A 96 -4.21 -11.41 -15.52
C VAL A 96 -4.68 -10.98 -14.14
N ASP A 97 -4.00 -11.44 -13.08
CA ASP A 97 -4.31 -10.96 -11.74
C ASP A 97 -4.12 -9.46 -11.64
N ALA A 98 -3.04 -8.93 -12.22
CA ALA A 98 -2.79 -7.49 -12.19
C ALA A 98 -3.83 -6.75 -13.02
N ALA A 99 -4.24 -7.31 -14.16
CA ALA A 99 -5.23 -6.66 -15.00
C ALA A 99 -6.58 -6.58 -14.31
N ASN A 100 -6.94 -7.61 -13.54
CA ASN A 100 -8.18 -7.62 -12.78
C ASN A 100 -8.11 -6.77 -11.52
N HIS A 101 -6.94 -6.21 -11.21
CA HIS A 101 -6.76 -5.34 -10.05
C HIS A 101 -5.92 -4.13 -10.44
N CYS A 102 -6.21 -3.56 -11.62
CA CYS A 102 -5.37 -2.49 -12.15
C CYS A 102 -5.79 -1.13 -11.61
N GLY A 103 -7.09 -0.90 -11.43
CA GLY A 103 -7.58 0.37 -10.97
C GLY A 103 -7.74 0.46 -9.47
N THR A 104 -6.64 0.23 -8.74
CA THR A 104 -6.65 0.30 -7.28
C THR A 104 -5.46 1.12 -6.80
N VAL A 105 -5.53 1.56 -5.54
CA VAL A 105 -4.43 2.32 -4.95
C VAL A 105 -3.19 1.44 -4.82
N ALA A 106 -3.38 0.18 -4.41
CA ALA A 106 -2.24 -0.72 -4.23
C ALA A 106 -1.47 -0.89 -5.54
N ASN A 107 -2.19 -0.93 -6.67
CA ASN A 107 -1.52 -0.98 -7.96
C ASN A 107 -0.71 0.28 -8.22
N GLY A 108 -1.26 1.44 -7.83
CA GLY A 108 -0.52 2.68 -7.97
C GLY A 108 0.73 2.73 -7.10
N ILE A 109 0.68 2.07 -5.93
CA ILE A 109 1.86 2.01 -5.08
C ILE A 109 2.90 1.06 -5.69
N LEU A 110 2.44 -0.06 -6.24
CA LEU A 110 3.35 -0.96 -6.96
C LEU A 110 4.02 -0.23 -8.12
N GLU A 111 3.29 0.68 -8.78
CA GLU A 111 3.89 1.50 -9.82
C GLU A 111 4.99 2.38 -9.26
N THR A 112 4.77 2.96 -8.09
CA THR A 112 5.77 3.83 -7.47
C THR A 112 6.99 3.03 -7.03
N PHE A 113 6.77 1.84 -6.47
CA PHE A 113 7.88 0.97 -6.12
C PHE A 113 8.68 0.55 -7.35
N HIS A 114 8.04 0.47 -8.51
CA HIS A 114 8.71 0.00 -9.71
C HIS A 114 9.59 1.08 -10.33
N LYS A 115 9.05 2.29 -10.52
CA LYS A 115 9.78 3.34 -11.22
C LYS A 115 10.94 3.89 -10.40
N PHE A 116 10.87 3.81 -9.08
CA PHE A 116 11.98 4.24 -8.23
C PHE A 116 12.82 3.07 -7.73
N PHE A 117 12.52 1.85 -8.18
CA PHE A 117 13.38 0.68 -7.97
C PHE A 117 13.53 0.36 -6.49
N TRP A 118 12.43 0.43 -5.75
CA TRP A 118 12.40 -0.04 -4.37
C TRP A 118 12.12 -1.52 -4.26
N SER A 119 11.93 -2.21 -5.39
CA SER A 119 11.70 -3.65 -5.42
C SER A 119 11.98 -4.13 -6.84
N ASN A 120 12.89 -5.09 -6.98
CA ASN A 120 13.23 -5.64 -8.28
C ASN A 120 12.31 -6.78 -8.71
N ASN A 121 11.28 -7.09 -7.91
CA ASN A 121 10.35 -8.15 -8.24
C ASN A 121 9.17 -7.67 -9.08
N ILE A 122 8.84 -6.38 -9.01
CA ILE A 122 7.66 -5.85 -9.70
C ILE A 122 7.94 -5.74 -11.19
N LYS A 123 6.93 -6.04 -12.00
CA LYS A 123 7.04 -5.98 -13.45
C LYS A 123 5.76 -5.40 -14.04
N ASP A 124 5.91 -4.61 -15.10
CA ASP A 124 4.78 -4.03 -15.81
C ASP A 124 4.16 -5.11 -16.68
N ALA A 125 3.07 -5.71 -16.20
CA ALA A 125 2.51 -6.91 -16.81
C ALA A 125 1.37 -6.64 -17.78
N TYR A 126 0.68 -5.51 -17.67
CA TYR A 126 -0.49 -5.27 -18.49
C TYR A 126 -0.69 -3.78 -18.67
N GLN A 127 -1.28 -3.40 -19.81
CA GLN A 127 -1.61 -2.02 -20.11
C GLN A 127 -3.07 -1.94 -20.52
N LEU A 128 -3.80 -1.01 -19.90
CA LEU A 128 -5.24 -0.86 -20.15
C LEU A 128 -5.55 0.55 -20.60
N PRO A 129 -5.98 0.77 -21.85
CA PRO A 129 -6.36 2.11 -22.28
C PRO A 129 -7.74 2.49 -21.77
N ASN A 130 -7.90 3.79 -21.51
CA ASN A 130 -9.14 4.33 -20.98
C ASN A 130 -9.18 5.82 -21.30
N GLN A 131 -10.21 6.52 -20.80
CA GLN A 131 -10.34 7.94 -21.07
C GLN A 131 -9.24 8.75 -20.39
N GLY A 132 -8.76 8.29 -19.24
CA GLY A 132 -7.64 8.93 -18.57
C GLY A 132 -6.31 8.53 -19.15
N LYS A 133 -5.28 8.56 -18.31
CA LYS A 133 -3.97 8.11 -18.74
C LYS A 133 -3.96 6.59 -18.91
N LEU A 134 -3.09 6.12 -19.80
CA LEU A 134 -2.96 4.69 -20.03
C LEU A 134 -2.59 3.97 -18.73
N ALA A 135 -3.44 3.03 -18.33
CA ALA A 135 -3.24 2.31 -17.07
C ALA A 135 -2.17 1.25 -17.23
N HIS A 136 -1.27 1.18 -16.25
CA HIS A 136 -0.22 0.17 -16.20
C HIS A 136 -0.49 -0.75 -15.00
N CYS A 137 -0.69 -2.04 -15.28
CA CYS A 137 -0.98 -3.01 -14.24
C CYS A 137 0.29 -3.81 -13.94
N TYR A 138 0.67 -3.82 -12.67
CA TYR A 138 1.95 -4.38 -12.24
C TYR A 138 1.74 -5.69 -11.49
N SER A 139 2.58 -6.66 -11.81
CA SER A 139 2.56 -7.97 -11.18
C SER A 139 3.66 -8.07 -10.13
N THR A 140 3.38 -8.78 -9.04
CA THR A 140 4.37 -9.02 -8.01
C THR A 140 4.03 -10.32 -7.30
N SER A 141 5.07 -11.01 -6.83
CA SER A 141 4.88 -12.24 -6.09
C SER A 141 4.59 -12.00 -4.61
N TYR A 142 4.81 -10.77 -4.13
CA TYR A 142 4.51 -10.45 -2.74
C TYR A 142 3.01 -10.62 -2.47
N GLN A 143 2.69 -11.09 -1.28
CA GLN A 143 1.30 -11.35 -0.92
C GLN A 143 0.64 -10.19 -0.20
N PHE A 144 1.40 -9.29 0.42
CA PHE A 144 0.82 -8.27 1.27
C PHE A 144 1.55 -6.94 1.07
N LEU A 145 0.77 -5.86 1.12
CA LEU A 145 1.29 -4.48 1.10
C LEU A 145 0.82 -3.80 2.39
N ILE A 146 1.77 -3.44 3.25
CA ILE A 146 1.47 -2.90 4.57
C ILE A 146 1.81 -1.42 4.59
N ILE A 147 0.92 -0.62 5.18
CA ILE A 147 1.10 0.81 5.37
C ILE A 147 0.91 1.13 6.84
N GLN A 148 1.87 1.87 7.42
CA GLN A 148 1.83 2.19 8.84
C GLN A 148 2.33 3.61 9.07
N ASN A 149 1.65 4.32 9.96
CA ASN A 149 2.08 5.64 10.41
C ASN A 149 3.09 5.47 11.53
N THR A 150 4.36 5.77 11.25
CA THR A 150 5.43 5.60 12.23
C THR A 150 6.44 6.72 12.04
N THR A 151 7.46 6.72 12.90
CA THR A 151 8.51 7.73 12.87
C THR A 151 9.73 7.21 12.13
N TRP A 152 10.63 8.14 11.81
CA TRP A 152 11.89 7.77 11.17
C TRP A 152 12.75 6.91 12.06
N GLU A 153 12.61 7.05 13.39
CA GLU A 153 13.40 6.26 14.31
C GLU A 153 13.00 4.78 14.28
N ASP A 154 11.70 4.50 14.18
CA ASP A 154 11.17 3.15 14.31
C ASP A 154 10.64 2.60 12.98
N HIS A 155 11.05 3.17 11.85
CA HIS A 155 10.42 2.82 10.58
C HIS A 155 10.80 1.42 10.10
N CYS A 156 11.87 0.83 10.64
CA CYS A 156 12.28 -0.50 10.22
C CYS A 156 11.63 -1.62 11.03
N THR A 157 10.81 -1.29 12.02
CA THR A 157 10.12 -2.27 12.85
C THR A 157 8.62 -2.06 12.72
N PHE A 158 7.88 -3.14 12.48
CA PHE A 158 6.43 -3.06 12.43
C PHE A 158 5.87 -2.58 13.76
N SER A 159 4.80 -1.80 13.68
CA SER A 159 4.10 -1.35 14.87
C SER A 159 3.03 -2.36 15.26
N ARG A 160 2.57 -2.25 16.52
CA ARG A 160 1.65 -3.23 17.07
C ARG A 160 0.22 -2.70 16.98
N PRO A 161 -0.62 -3.25 16.10
CA PRO A 161 -2.01 -2.82 15.98
C PRO A 161 -2.95 -3.56 16.93
#